data_3QLG
#
_entry.id   3QLG
#
_cell.length_a   42.261
_cell.length_b   63.494
_cell.length_c   74.445
_cell.angle_alpha   100.74
_cell.angle_beta   90.18
_cell.angle_gamma   90.00
#
_symmetry.space_group_name_H-M   'P 1'
#
loop_
_entity.id
_entity.type
_entity.pdbx_description
1 polymer 'Proto-oncogene tyrosine-protein kinase Src'
2 non-polymer N-(2-CHLORO-6-METHYLPHENYL)-2-({6-[4-(2-HYDROXYETHYL)PIPERAZIN-1-YL]-2-METHYLPYRIMIDIN-4-YL}AMINO)-1,3-THIAZOLE-5-CARBOXAMIDE
3 water water
#
_entity_poly.entity_id   1
_entity_poly.type   'polypeptide(L)'
_entity_poly.pdbx_seq_one_letter_code
;GHMQTQGLAKDAWEIPRESLRLEVKLGQGCFGEVWMGTWNGTTRVAIKTLKPGTMSPEAFLQEAQVMKKIRHEKLVQLYA
VVSEEPIYIVTEYMSKGSLLDFLKGEMGKYLRLPQLVDMAAQIASGMAYVERMNYVHRDLRAANILVGENLVCKVADFGL
ARLIEDNEYTARQGAKFPIKWTAPEAALYGRFTIKSDVWSFGILLTELTTKGRVPYPGMVNREVLDQVERGYRMPCPPEC
PESLHDLMCQCWRKDPEERPTFEYLQAFLEDYFTSTEPQYQPGENL
;
_entity_poly.pdbx_strand_id   A,B
#
loop_
_chem_comp.id
_chem_comp.type
_chem_comp.name
_chem_comp.formula
1N1 non-polymer N-(2-CHLORO-6-METHYLPHENYL)-2-({6-[4-(2-HYDROXYETHYL)PIPERAZIN-1-YL]-2-METHYLPYRIMIDIN-4-YL}AMINO)-1,3-THIAZOLE-5-CARBOXAMIDE 'C22 H26 Cl N7 O2 S'
#
# COMPACT_ATOMS: atom_id res chain seq x y z
N ASP A 11 -38.63 0.31 -22.92
CA ASP A 11 -38.27 -0.22 -21.61
C ASP A 11 -38.68 0.76 -20.51
N ALA A 12 -38.96 0.25 -19.31
CA ALA A 12 -39.38 1.10 -18.19
C ALA A 12 -38.21 1.87 -17.57
N TRP A 13 -37.01 1.33 -17.70
CA TRP A 13 -35.83 1.90 -17.05
C TRP A 13 -35.16 3.02 -17.85
N GLU A 14 -35.71 3.36 -19.01
CA GLU A 14 -35.13 4.38 -19.87
C GLU A 14 -35.36 5.81 -19.36
N ILE A 15 -34.34 6.65 -19.52
CA ILE A 15 -34.41 8.05 -19.11
C ILE A 15 -33.80 8.97 -20.18
N PRO A 16 -34.33 10.20 -20.27
CA PRO A 16 -33.80 11.20 -21.22
C PRO A 16 -32.34 11.56 -20.92
N ARG A 17 -31.51 11.62 -21.96
CA ARG A 17 -30.10 11.99 -21.78
C ARG A 17 -29.95 13.31 -21.03
N GLU A 18 -30.99 14.14 -21.10
CA GLU A 18 -30.93 15.46 -20.46
C GLU A 18 -31.01 15.36 -18.94
N SER A 19 -31.74 14.38 -18.44
CA SER A 19 -31.96 14.25 -17.00
C SER A 19 -30.71 13.77 -16.26
N LEU A 20 -29.67 13.40 -17.01
CA LEU A 20 -28.43 12.92 -16.40
C LEU A 20 -27.31 13.96 -16.40
N ARG A 21 -26.76 14.22 -15.22
CA ARG A 21 -25.61 15.12 -15.12
C ARG A 21 -24.43 14.43 -14.46
N LEU A 22 -23.33 14.34 -15.19
CA LEU A 22 -22.11 13.75 -14.69
C LEU A 22 -21.28 14.88 -14.07
N GLU A 23 -21.16 14.86 -12.74
CA GLU A 23 -20.50 15.93 -12.03
C GLU A 23 -19.04 15.63 -11.68
N VAL A 24 -18.81 14.53 -10.96
CA VAL A 24 -17.46 14.16 -10.54
C VAL A 24 -17.05 12.82 -11.13
N LYS A 25 -15.88 12.79 -11.75
CA LYS A 25 -15.32 11.57 -12.30
C LYS A 25 -14.72 10.73 -11.16
N LEU A 26 -15.15 9.48 -11.04
CA LEU A 26 -14.76 8.66 -9.89
C LEU A 26 -13.73 7.58 -10.18
N GLY A 27 -13.71 7.10 -11.43
CA GLY A 27 -12.80 6.04 -11.78
C GLY A 27 -12.86 5.72 -13.27
N GLN A 28 -11.82 5.03 -13.75
CA GLN A 28 -11.73 4.69 -15.16
C GLN A 28 -11.33 3.25 -15.40
N GLY A 29 -11.58 2.78 -16.62
CA GLY A 29 -11.23 1.44 -17.05
C GLY A 29 -11.03 1.42 -18.54
N CYS A 30 -10.85 0.23 -19.11
CA CYS A 30 -10.64 0.09 -20.54
C CYS A 30 -11.94 0.25 -21.32
N PHE A 31 -13.07 0.01 -20.66
CA PHE A 31 -14.35 0.00 -21.34
C PHE A 31 -15.22 1.23 -21.04
N GLY A 32 -14.81 2.05 -20.07
CA GLY A 32 -15.58 3.24 -19.73
C GLY A 32 -15.20 3.92 -18.43
N GLU A 33 -16.15 4.63 -17.83
CA GLU A 33 -15.89 5.41 -16.63
C GLU A 33 -17.04 5.33 -15.63
N VAL A 34 -16.79 5.80 -14.41
CA VAL A 34 -17.82 5.87 -13.39
C VAL A 34 -17.86 7.25 -12.74
N TRP A 35 -19.01 7.91 -12.86
CA TRP A 35 -19.19 9.27 -12.33
C TRP A 35 -20.18 9.34 -11.18
N MET A 36 -20.05 10.38 -10.37
CA MET A 36 -21.12 10.80 -9.47
C MET A 36 -21.92 11.86 -10.21
N GLY A 37 -23.23 11.89 -10.01
CA GLY A 37 -24.03 12.84 -10.76
C GLY A 37 -25.44 13.02 -10.25
N THR A 38 -26.25 13.71 -11.04
CA THR A 38 -27.62 14.00 -10.66
C THR A 38 -28.59 13.56 -11.75
N TRP A 39 -29.64 12.85 -11.33
CA TRP A 39 -30.67 12.35 -12.23
C TRP A 39 -31.97 13.07 -11.93
N ASN A 40 -32.60 13.62 -12.97
CA ASN A 40 -33.78 14.46 -12.80
C ASN A 40 -33.53 15.61 -11.83
N GLY A 41 -32.34 16.20 -11.91
CA GLY A 41 -31.97 17.37 -11.11
C GLY A 41 -32.09 17.25 -9.60
N THR A 42 -32.41 16.06 -9.09
CA THR A 42 -32.63 15.88 -7.66
C THR A 42 -31.88 14.69 -7.05
N THR A 43 -31.94 13.55 -7.73
CA THR A 43 -31.43 12.32 -7.17
C THR A 43 -29.93 12.12 -7.40
N ARG A 44 -29.16 12.07 -6.31
CA ARG A 44 -27.75 11.74 -6.41
C ARG A 44 -27.61 10.30 -6.87
N VAL A 45 -26.97 10.10 -8.03
CA VAL A 45 -26.82 8.76 -8.59
C VAL A 45 -25.37 8.50 -8.96
N ALA A 46 -25.06 7.23 -9.23
CA ALA A 46 -23.76 6.85 -9.80
C ALA A 46 -23.97 6.45 -11.27
N ILE A 47 -23.09 6.95 -12.13
CA ILE A 47 -23.22 6.69 -13.56
C ILE A 47 -21.98 5.98 -14.12
N LYS A 48 -22.21 4.92 -14.89
CA LYS A 48 -21.12 4.18 -15.52
C LYS A 48 -21.27 4.22 -17.04
N THR A 49 -20.21 4.63 -17.72
CA THR A 49 -20.25 4.78 -19.17
C THR A 49 -19.45 3.70 -19.89
N LEU A 50 -19.79 3.48 -21.16
CA LEU A 50 -18.99 2.62 -22.03
C LEU A 50 -18.36 3.46 -23.14
N LYS A 51 -17.06 3.27 -23.36
CA LYS A 51 -16.34 3.97 -24.42
C LYS A 51 -16.66 3.31 -25.76
N PRO A 52 -17.43 4.00 -26.63
CA PRO A 52 -17.89 3.42 -27.89
C PRO A 52 -16.74 2.86 -28.71
N GLY A 53 -16.77 1.55 -28.97
CA GLY A 53 -15.74 0.91 -29.76
C GLY A 53 -14.85 -0.06 -28.99
N THR A 54 -14.80 0.12 -27.67
CA THR A 54 -13.95 -0.70 -26.81
C THR A 54 -14.60 -2.05 -26.48
N MET A 55 -15.80 -2.00 -25.92
CA MET A 55 -16.57 -3.21 -25.64
C MET A 55 -17.85 -3.17 -26.44
N SER A 56 -18.39 -4.34 -26.77
CA SER A 56 -19.64 -4.41 -27.53
C SER A 56 -20.83 -4.04 -26.64
N PRO A 57 -21.75 -3.23 -27.18
CA PRO A 57 -22.93 -2.77 -26.44
C PRO A 57 -23.65 -3.96 -25.81
N GLU A 58 -23.83 -5.02 -26.59
CA GLU A 58 -24.50 -6.23 -26.09
C GLU A 58 -23.80 -6.75 -24.85
N ALA A 59 -22.47 -6.67 -24.85
CA ALA A 59 -21.65 -7.17 -23.75
C ALA A 59 -21.78 -6.28 -22.51
N PHE A 60 -21.66 -4.97 -22.73
CA PHE A 60 -21.70 -4.00 -21.64
C PHE A 60 -23.11 -3.87 -21.05
N LEU A 61 -24.11 -4.35 -21.77
CA LEU A 61 -25.48 -4.28 -21.30
C LEU A 61 -25.92 -5.55 -20.57
N GLN A 62 -25.14 -6.62 -20.71
CA GLN A 62 -25.47 -7.88 -20.06
C GLN A 62 -25.44 -7.72 -18.53
N GLU A 63 -24.71 -6.73 -18.04
CA GLU A 63 -24.65 -6.44 -16.62
C GLU A 63 -25.92 -5.74 -16.14
N ALA A 64 -26.48 -4.89 -16.99
CA ALA A 64 -27.70 -4.18 -16.63
C ALA A 64 -28.91 -5.09 -16.72
N GLN A 65 -28.90 -5.99 -17.70
CA GLN A 65 -29.97 -6.97 -17.85
C GLN A 65 -30.07 -7.77 -16.56
N VAL A 66 -28.91 -8.20 -16.05
CA VAL A 66 -28.84 -8.93 -14.78
C VAL A 66 -29.35 -8.07 -13.63
N MET A 67 -28.81 -6.86 -13.50
CA MET A 67 -29.18 -5.98 -12.40
C MET A 67 -30.66 -5.63 -12.40
N LYS A 68 -31.36 -6.03 -13.45
CA LYS A 68 -32.78 -5.76 -13.60
C LYS A 68 -33.64 -6.74 -12.80
N LYS A 69 -33.20 -8.00 -12.77
CA LYS A 69 -33.94 -9.04 -12.04
C LYS A 69 -33.46 -9.16 -10.59
N ILE A 70 -32.62 -8.24 -10.16
CA ILE A 70 -32.08 -8.26 -8.81
C ILE A 70 -32.53 -7.05 -8.00
N ARG A 71 -32.90 -7.29 -6.74
CA ARG A 71 -33.35 -6.22 -5.84
C ARG A 71 -33.20 -6.64 -4.39
N HIS A 72 -32.17 -6.12 -3.74
CA HIS A 72 -31.90 -6.43 -2.34
C HIS A 72 -31.11 -5.29 -1.71
N GLU A 73 -31.46 -4.94 -0.47
CA GLU A 73 -30.87 -3.77 0.18
C GLU A 73 -29.35 -3.85 0.32
N LYS A 74 -28.79 -5.04 0.12
CA LYS A 74 -27.35 -5.23 0.23
C LYS A 74 -26.68 -5.50 -1.12
N LEU A 75 -27.44 -5.26 -2.19
CA LEU A 75 -26.89 -5.25 -3.53
C LEU A 75 -27.16 -3.90 -4.17
N VAL A 76 -26.15 -3.35 -4.81
CA VAL A 76 -26.26 -2.05 -5.46
C VAL A 76 -27.40 -2.07 -6.47
N GLN A 77 -28.27 -1.06 -6.37
CA GLN A 77 -29.53 -1.02 -7.10
C GLN A 77 -29.47 -0.27 -8.42
N LEU A 78 -30.00 -0.89 -9.48
CA LEU A 78 -30.18 -0.22 -10.75
C LEU A 78 -31.25 0.87 -10.61
N TYR A 79 -31.13 1.94 -11.36
CA TYR A 79 -32.14 2.99 -11.37
C TYR A 79 -32.70 3.18 -12.76
N ALA A 80 -31.81 3.26 -13.74
CA ALA A 80 -32.20 3.53 -15.11
C ALA A 80 -31.08 3.18 -16.07
N VAL A 81 -31.40 3.11 -17.35
CA VAL A 81 -30.39 2.86 -18.37
C VAL A 81 -30.62 3.74 -19.60
N VAL A 82 -29.56 3.95 -20.37
CA VAL A 82 -29.67 4.53 -21.70
C VAL A 82 -29.03 3.52 -22.66
N SER A 83 -29.88 2.70 -23.27
CA SER A 83 -29.39 1.50 -23.97
C SER A 83 -29.00 1.72 -25.43
N GLU A 84 -29.03 2.97 -25.88
CA GLU A 84 -28.56 3.30 -27.22
C GLU A 84 -27.29 4.14 -27.11
N GLU A 85 -26.27 3.77 -27.88
CA GLU A 85 -24.96 4.40 -27.81
C GLU A 85 -25.02 5.92 -27.95
N PRO A 86 -24.18 6.63 -27.17
CA PRO A 86 -23.34 6.03 -26.14
C PRO A 86 -24.15 5.59 -24.90
N ILE A 87 -23.74 4.48 -24.29
CA ILE A 87 -24.52 3.86 -23.23
C ILE A 87 -24.15 4.35 -21.83
N TYR A 88 -25.15 4.45 -20.97
CA TYR A 88 -24.96 4.77 -19.56
C TYR A 88 -25.80 3.84 -18.70
N ILE A 89 -25.20 3.25 -17.68
CA ILE A 89 -25.96 2.52 -16.69
C ILE A 89 -26.01 3.36 -15.42
N VAL A 90 -27.18 3.42 -14.79
CA VAL A 90 -27.36 4.25 -13.60
C VAL A 90 -27.72 3.42 -12.39
N THR A 91 -27.16 3.78 -11.24
CA THR A 91 -27.47 3.09 -9.99
C THR A 91 -27.50 4.09 -8.85
N GLU A 92 -27.90 3.64 -7.67
CA GLU A 92 -27.78 4.45 -6.47
C GLU A 92 -26.31 4.81 -6.30
N TYR A 93 -26.01 5.83 -5.50
CA TYR A 93 -24.63 6.24 -5.29
C TYR A 93 -24.12 5.89 -3.88
N MET A 94 -23.02 5.16 -3.82
CA MET A 94 -22.37 4.86 -2.53
C MET A 94 -21.29 5.90 -2.26
N SER A 95 -21.42 6.55 -1.11
CA SER A 95 -20.64 7.75 -0.85
C SER A 95 -19.19 7.56 -0.38
N LYS A 96 -18.75 6.32 -0.18
CA LYS A 96 -17.41 6.09 0.39
C LYS A 96 -16.43 5.31 -0.50
N GLY A 97 -16.93 4.82 -1.64
CA GLY A 97 -16.11 4.05 -2.55
C GLY A 97 -15.97 2.59 -2.14
N SER A 98 -15.01 1.90 -2.74
CA SER A 98 -14.83 0.49 -2.45
C SER A 98 -14.47 0.28 -0.98
N LEU A 99 -14.85 -0.87 -0.46
CA LEU A 99 -14.53 -1.25 0.91
C LEU A 99 -13.02 -1.36 1.08
N LEU A 100 -12.29 -1.60 0.00
CA LEU A 100 -10.83 -1.76 0.05
C LEU A 100 -10.12 -0.44 0.26
N ASP A 101 -10.62 0.62 -0.36
CA ASP A 101 -10.06 1.96 -0.17
C ASP A 101 -10.47 2.52 1.19
N PHE A 102 -11.68 2.17 1.61
CA PHE A 102 -12.18 2.56 2.92
C PHE A 102 -11.33 1.94 4.03
N LEU A 103 -11.10 0.63 3.90
CA LEU A 103 -10.40 -0.16 4.91
C LEU A 103 -8.97 0.31 5.16
N LYS A 104 -8.25 0.65 4.08
CA LYS A 104 -6.86 1.08 4.18
C LYS A 104 -6.66 2.59 4.21
N GLY A 105 -7.76 3.34 4.07
CA GLY A 105 -7.73 4.78 4.17
C GLY A 105 -7.81 5.32 5.59
N GLU A 106 -8.18 6.60 5.71
CA GLU A 106 -8.31 7.28 6.99
C GLU A 106 -9.23 6.61 8.03
N MET A 107 -10.31 5.99 7.56
CA MET A 107 -11.20 5.20 8.42
C MET A 107 -10.60 3.90 8.95
N GLY A 108 -9.61 3.38 8.25
CA GLY A 108 -8.95 2.16 8.67
C GLY A 108 -8.69 2.13 10.17
N LYS A 109 -8.00 3.14 10.67
CA LYS A 109 -7.44 3.09 12.02
C LYS A 109 -8.46 3.15 13.15
N TYR A 110 -9.72 3.43 12.83
CA TYR A 110 -10.75 3.58 13.86
C TYR A 110 -11.66 2.37 13.96
N LEU A 111 -11.71 1.58 12.87
CA LEU A 111 -12.50 0.35 12.82
C LEU A 111 -11.97 -0.75 13.74
N ARG A 112 -12.89 -1.41 14.42
CA ARG A 112 -12.56 -2.57 15.25
C ARG A 112 -13.44 -3.76 14.88
N LEU A 113 -13.34 -4.85 15.64
CA LEU A 113 -14.10 -6.08 15.35
C LEU A 113 -15.59 -5.86 15.17
N PRO A 114 -16.24 -5.22 16.15
CA PRO A 114 -17.69 -5.03 15.98
C PRO A 114 -18.03 -4.36 14.65
N GLN A 115 -17.35 -3.27 14.29
CA GLN A 115 -17.66 -2.58 13.03
C GLN A 115 -17.39 -3.47 11.83
N LEU A 116 -16.31 -4.24 11.89
CA LEU A 116 -15.89 -5.05 10.75
C LEU A 116 -16.76 -6.30 10.59
N VAL A 117 -17.12 -6.93 11.70
CA VAL A 117 -17.97 -8.12 11.65
C VAL A 117 -19.38 -7.78 11.18
N ASP A 118 -19.75 -6.53 11.36
CA ASP A 118 -21.04 -6.04 10.94
C ASP A 118 -21.04 -5.75 9.44
N MET A 119 -19.93 -5.23 8.94
CA MET A 119 -19.80 -4.99 7.51
C MET A 119 -19.91 -6.33 6.79
N ALA A 120 -19.14 -7.29 7.28
CA ALA A 120 -19.13 -8.67 6.81
C ALA A 120 -20.53 -9.26 6.78
N ALA A 121 -21.26 -9.12 7.88
CA ALA A 121 -22.62 -9.65 7.96
C ALA A 121 -23.47 -9.22 6.77
N GLN A 122 -23.50 -7.92 6.47
CA GLN A 122 -24.31 -7.37 5.39
C GLN A 122 -23.93 -7.98 4.08
N ILE A 123 -22.63 -8.11 3.86
CA ILE A 123 -22.13 -8.71 2.64
C ILE A 123 -22.73 -10.13 2.54
N ALA A 124 -22.67 -10.85 3.65
CA ALA A 124 -23.18 -12.22 3.74
C ALA A 124 -24.69 -12.23 3.56
N SER A 125 -25.31 -11.11 3.87
CA SER A 125 -26.75 -10.98 3.75
C SER A 125 -27.11 -10.80 2.27
N GLY A 126 -26.38 -9.91 1.59
CA GLY A 126 -26.51 -9.77 0.16
C GLY A 126 -26.16 -11.05 -0.57
N MET A 127 -25.08 -11.69 -0.15
CA MET A 127 -24.65 -12.94 -0.77
C MET A 127 -25.62 -14.10 -0.48
N ALA A 128 -26.32 -14.00 0.65
CA ALA A 128 -27.34 -14.98 0.98
C ALA A 128 -28.51 -14.84 0.02
N TYR A 129 -28.82 -13.61 -0.35
CA TYR A 129 -29.86 -13.36 -1.34
C TYR A 129 -29.43 -13.94 -2.69
N VAL A 130 -28.21 -13.60 -3.12
CA VAL A 130 -27.62 -14.18 -4.32
C VAL A 130 -27.69 -15.72 -4.28
N GLU A 131 -27.34 -16.28 -3.12
CA GLU A 131 -27.46 -17.71 -2.87
C GLU A 131 -28.89 -18.21 -3.12
N ARG A 132 -29.87 -17.53 -2.54
CA ARG A 132 -31.28 -17.89 -2.68
C ARG A 132 -31.74 -17.94 -4.13
N MET A 133 -31.30 -16.96 -4.91
CA MET A 133 -31.70 -16.84 -6.31
C MET A 133 -30.92 -17.78 -7.22
N ASN A 134 -30.07 -18.62 -6.63
CA ASN A 134 -29.25 -19.56 -7.39
C ASN A 134 -28.28 -18.87 -8.35
N TYR A 135 -27.87 -17.66 -7.98
CA TYR A 135 -26.88 -16.93 -8.75
C TYR A 135 -25.49 -17.19 -8.22
N VAL A 136 -24.48 -16.84 -9.03
CA VAL A 136 -23.09 -16.87 -8.60
C VAL A 136 -22.49 -15.51 -8.90
N HIS A 137 -21.61 -15.03 -8.03
CA HIS A 137 -21.00 -13.72 -8.22
C HIS A 137 -19.70 -13.84 -9.02
N ARG A 138 -18.76 -14.66 -8.52
CA ARG A 138 -17.53 -15.02 -9.22
C ARG A 138 -16.35 -14.11 -8.90
N ASP A 139 -16.62 -12.93 -8.38
CA ASP A 139 -15.53 -12.00 -8.08
C ASP A 139 -15.77 -11.26 -6.76
N LEU A 140 -16.22 -12.02 -5.77
CA LEU A 140 -16.35 -11.52 -4.41
C LEU A 140 -14.99 -11.16 -3.82
N ARG A 141 -14.83 -9.90 -3.45
CA ARG A 141 -13.67 -9.43 -2.72
C ARG A 141 -13.87 -7.96 -2.36
N ALA A 142 -13.07 -7.45 -1.44
CA ALA A 142 -13.29 -6.12 -0.87
C ALA A 142 -13.39 -5.02 -1.92
N ALA A 143 -12.51 -5.09 -2.93
CA ALA A 143 -12.48 -4.13 -4.02
C ALA A 143 -13.84 -3.99 -4.70
N ASN A 144 -14.66 -5.02 -4.56
CA ASN A 144 -15.95 -5.09 -5.22
C ASN A 144 -17.11 -4.97 -4.25
N ILE A 145 -16.83 -4.40 -3.08
CA ILE A 145 -17.86 -4.01 -2.14
C ILE A 145 -17.82 -2.48 -2.05
N LEU A 146 -18.99 -1.85 -2.11
CA LEU A 146 -19.06 -0.41 -1.97
C LEU A 146 -19.60 -0.03 -0.60
N VAL A 147 -19.11 1.09 -0.06
CA VAL A 147 -19.55 1.54 1.26
C VAL A 147 -20.37 2.81 1.14
N GLY A 148 -21.25 3.01 2.11
CA GLY A 148 -22.14 4.16 2.11
C GLY A 148 -22.13 4.87 3.43
N GLU A 149 -23.18 5.61 3.72
CA GLU A 149 -23.24 6.32 5.00
C GLU A 149 -23.54 5.34 6.11
N ASN A 150 -22.90 5.53 7.26
CA ASN A 150 -23.15 4.68 8.42
C ASN A 150 -22.69 3.23 8.23
N LEU A 151 -21.54 3.04 7.58
CA LEU A 151 -20.95 1.71 7.37
C LEU A 151 -21.87 0.73 6.62
N VAL A 152 -22.70 1.24 5.72
CA VAL A 152 -23.50 0.36 4.88
C VAL A 152 -22.67 -0.25 3.76
N CYS A 153 -22.62 -1.58 3.72
CA CYS A 153 -21.82 -2.27 2.72
C CYS A 153 -22.72 -3.05 1.75
N LYS A 154 -22.55 -2.81 0.46
CA LYS A 154 -23.36 -3.49 -0.56
C LYS A 154 -22.50 -4.18 -1.61
N VAL A 155 -22.85 -5.41 -1.96
CA VAL A 155 -22.15 -6.13 -3.01
C VAL A 155 -22.29 -5.37 -4.33
N ALA A 156 -21.21 -5.31 -5.10
CA ALA A 156 -21.20 -4.55 -6.33
C ALA A 156 -20.69 -5.39 -7.50
N ASP A 157 -20.85 -4.88 -8.71
CA ASP A 157 -20.38 -5.57 -9.92
C ASP A 157 -21.06 -6.92 -10.18
N PHE A 158 -22.13 -6.88 -10.96
CA PHE A 158 -22.93 -8.08 -11.22
C PHE A 158 -22.73 -8.63 -12.62
N GLY A 159 -21.78 -8.04 -13.35
CA GLY A 159 -21.49 -8.48 -14.71
C GLY A 159 -20.05 -8.88 -14.87
N PHE A 177 -5.85 -12.04 -13.06
CA PHE A 177 -6.82 -12.96 -12.45
C PHE A 177 -6.75 -12.86 -10.92
N PRO A 178 -7.92 -12.91 -10.25
CA PRO A 178 -7.96 -12.78 -8.79
C PRO A 178 -7.73 -14.12 -8.10
N ILE A 179 -6.64 -14.81 -8.45
CA ILE A 179 -6.30 -16.12 -7.91
C ILE A 179 -6.32 -16.20 -6.37
N LYS A 180 -5.82 -15.16 -5.71
CA LYS A 180 -5.72 -15.16 -4.26
C LYS A 180 -7.11 -15.12 -3.59
N TRP A 181 -8.13 -14.90 -4.41
CA TRP A 181 -9.48 -14.77 -3.90
C TRP A 181 -10.36 -15.94 -4.39
N THR A 182 -9.84 -16.67 -5.36
CA THR A 182 -10.61 -17.71 -6.05
C THR A 182 -10.35 -19.10 -5.49
N ALA A 183 -11.42 -19.87 -5.37
CA ALA A 183 -11.29 -21.22 -4.85
C ALA A 183 -10.58 -22.11 -5.86
N PRO A 184 -9.81 -23.10 -5.38
CA PRO A 184 -9.02 -24.00 -6.22
C PRO A 184 -9.82 -24.55 -7.39
N GLU A 185 -10.94 -25.21 -7.11
CA GLU A 185 -11.73 -25.85 -8.16
C GLU A 185 -12.14 -24.86 -9.25
N ALA A 186 -12.20 -23.59 -8.90
CA ALA A 186 -12.62 -22.58 -9.86
C ALA A 186 -11.43 -22.09 -10.70
N ALA A 187 -10.28 -21.91 -10.06
CA ALA A 187 -9.09 -21.45 -10.76
C ALA A 187 -8.46 -22.58 -11.59
N LEU A 188 -8.66 -23.81 -11.16
CA LEU A 188 -8.07 -24.97 -11.83
C LEU A 188 -8.98 -25.55 -12.91
N TYR A 189 -10.20 -25.89 -12.52
CA TYR A 189 -11.11 -26.58 -13.43
C TYR A 189 -12.35 -25.75 -13.75
N GLY A 190 -12.23 -24.44 -13.59
CA GLY A 190 -13.31 -23.50 -13.90
C GLY A 190 -14.67 -23.82 -13.29
N ARG A 191 -14.69 -24.50 -12.14
CA ARG A 191 -15.96 -24.90 -11.51
C ARG A 191 -16.43 -23.83 -10.52
N PHE A 192 -17.03 -22.77 -11.04
CA PHE A 192 -17.48 -21.64 -10.23
C PHE A 192 -18.87 -21.88 -9.67
N THR A 193 -19.05 -21.58 -8.38
CA THR A 193 -20.31 -21.81 -7.68
C THR A 193 -20.45 -20.86 -6.49
N ILE A 194 -21.64 -20.86 -5.87
CA ILE A 194 -21.84 -20.10 -4.64
C ILE A 194 -20.91 -20.63 -3.56
N LYS A 195 -20.42 -21.86 -3.75
CA LYS A 195 -19.50 -22.47 -2.80
C LYS A 195 -18.06 -21.99 -2.96
N SER A 196 -17.70 -21.55 -4.16
CA SER A 196 -16.40 -20.93 -4.38
C SER A 196 -16.52 -19.43 -4.04
N ASP A 197 -17.71 -18.88 -4.22
CA ASP A 197 -18.00 -17.55 -3.73
C ASP A 197 -17.77 -17.49 -2.21
N VAL A 198 -18.13 -18.59 -1.53
CA VAL A 198 -17.92 -18.67 -0.09
C VAL A 198 -16.45 -18.67 0.25
N TRP A 199 -15.67 -19.39 -0.55
CA TRP A 199 -14.21 -19.32 -0.45
C TRP A 199 -13.74 -17.86 -0.45
N SER A 200 -14.19 -17.10 -1.45
CA SER A 200 -13.79 -15.70 -1.59
C SER A 200 -14.17 -14.91 -0.34
N PHE A 201 -15.38 -15.18 0.15
CA PHE A 201 -15.83 -14.53 1.38
C PHE A 201 -14.81 -14.82 2.48
N GLY A 202 -14.31 -16.05 2.53
CA GLY A 202 -13.31 -16.43 3.51
C GLY A 202 -12.07 -15.59 3.35
N ILE A 203 -11.68 -15.36 2.11
CA ILE A 203 -10.53 -14.51 1.82
C ILE A 203 -10.86 -13.04 2.14
N LEU A 204 -12.12 -12.67 1.90
CA LEU A 204 -12.59 -11.31 2.18
C LEU A 204 -12.54 -10.98 3.67
N LEU A 205 -12.68 -12.01 4.51
CA LEU A 205 -12.60 -11.87 5.96
C LEU A 205 -11.19 -11.54 6.44
N THR A 206 -10.17 -11.93 5.67
CA THR A 206 -8.83 -11.52 6.01
C THR A 206 -8.62 -10.05 5.68
N GLU A 207 -9.24 -9.60 4.59
CA GLU A 207 -9.16 -8.19 4.21
C GLU A 207 -9.77 -7.29 5.29
N LEU A 208 -10.94 -7.69 5.80
CA LEU A 208 -11.61 -6.96 6.87
C LEU A 208 -10.83 -6.96 8.19
N THR A 209 -10.00 -7.99 8.39
CA THR A 209 -9.28 -8.15 9.66
C THR A 209 -7.82 -7.67 9.60
N THR A 210 -7.32 -7.41 8.41
CA THR A 210 -5.98 -6.87 8.28
C THR A 210 -6.08 -5.44 7.77
N LYS A 211 -7.29 -4.91 7.74
CA LYS A 211 -7.53 -3.54 7.30
C LYS A 211 -7.06 -3.30 5.87
N GLY A 212 -7.23 -4.28 4.99
CA GLY A 212 -7.01 -4.04 3.58
C GLY A 212 -5.79 -4.68 2.94
N ARG A 213 -5.09 -5.50 3.71
CA ARG A 213 -3.86 -6.14 3.22
C ARG A 213 -4.04 -7.31 2.26
N VAL A 214 -3.32 -7.26 1.14
CA VAL A 214 -3.32 -8.34 0.14
C VAL A 214 -3.12 -9.72 0.80
N PRO A 215 -4.02 -10.68 0.53
CA PRO A 215 -3.96 -12.04 1.08
C PRO A 215 -2.67 -12.77 0.69
N TYR A 216 -2.20 -13.63 1.59
CA TYR A 216 -0.98 -14.42 1.36
C TYR A 216 0.24 -13.53 1.13
N PRO A 217 0.54 -12.65 2.10
CA PRO A 217 1.61 -11.65 1.97
C PRO A 217 2.93 -12.24 1.50
N GLY A 218 3.57 -11.58 0.54
CA GLY A 218 4.87 -12.00 0.03
C GLY A 218 4.82 -13.25 -0.83
N MET A 219 3.61 -13.74 -1.07
CA MET A 219 3.43 -14.88 -1.98
C MET A 219 2.89 -14.40 -3.32
N VAL A 220 3.47 -14.92 -4.39
CA VAL A 220 3.02 -14.61 -5.74
C VAL A 220 2.00 -15.65 -6.15
N ASN A 221 1.29 -15.38 -7.25
CA ASN A 221 0.20 -16.25 -7.70
C ASN A 221 0.54 -17.74 -7.79
N ARG A 222 1.64 -18.06 -8.46
CA ARG A 222 2.03 -19.45 -8.68
C ARG A 222 2.23 -20.25 -7.38
N GLU A 223 2.83 -19.66 -6.36
CA GLU A 223 3.05 -20.40 -5.11
C GLU A 223 1.80 -20.48 -4.23
N VAL A 224 0.84 -19.59 -4.46
CA VAL A 224 -0.44 -19.66 -3.80
C VAL A 224 -1.21 -20.91 -4.26
N LEU A 225 -1.28 -21.10 -5.57
CA LEU A 225 -1.89 -22.31 -6.13
C LEU A 225 -1.25 -23.56 -5.54
N ASP A 226 0.06 -23.64 -5.64
CA ASP A 226 0.81 -24.80 -5.13
C ASP A 226 0.55 -25.05 -3.66
N GLN A 227 0.80 -24.04 -2.84
CA GLN A 227 0.65 -24.14 -1.41
C GLN A 227 -0.79 -24.48 -0.98
N VAL A 228 -1.76 -23.77 -1.55
CA VAL A 228 -3.16 -23.96 -1.19
C VAL A 228 -3.64 -25.34 -1.61
N GLU A 229 -3.13 -25.80 -2.75
CA GLU A 229 -3.42 -27.16 -3.21
C GLU A 229 -2.72 -28.18 -2.30
N ARG A 230 -1.64 -27.73 -1.65
CA ARG A 230 -0.88 -28.58 -0.75
C ARG A 230 -1.33 -28.43 0.72
N GLY A 231 -2.49 -27.81 0.92
CA GLY A 231 -3.10 -27.75 2.24
C GLY A 231 -2.87 -26.47 3.05
N TYR A 232 -1.98 -25.61 2.57
CA TYR A 232 -1.68 -24.36 3.24
C TYR A 232 -2.90 -23.43 3.36
N ARG A 233 -3.00 -22.74 4.49
CA ARG A 233 -4.00 -21.70 4.71
C ARG A 233 -3.37 -20.58 5.53
N MET A 234 -3.74 -19.33 5.25
CA MET A 234 -3.25 -18.21 6.05
C MET A 234 -3.58 -18.44 7.51
N PRO A 235 -2.69 -18.00 8.41
CA PRO A 235 -2.93 -18.19 9.85
C PRO A 235 -3.90 -17.14 10.38
N CYS A 236 -4.15 -17.20 11.69
CA CYS A 236 -4.99 -16.22 12.34
C CYS A 236 -4.32 -14.84 12.32
N PRO A 237 -4.98 -13.86 11.67
CA PRO A 237 -4.45 -12.49 11.67
C PRO A 237 -4.28 -11.99 13.10
N PRO A 238 -3.31 -11.09 13.32
CA PRO A 238 -3.03 -10.45 14.61
C PRO A 238 -4.29 -9.88 15.26
N GLU A 239 -4.53 -10.28 16.51
CA GLU A 239 -5.68 -9.85 17.31
C GLU A 239 -7.03 -10.32 16.78
N CYS A 240 -7.02 -11.21 15.78
CA CYS A 240 -8.27 -11.76 15.31
C CYS A 240 -8.61 -12.95 16.18
N PRO A 241 -9.79 -12.93 16.82
CA PRO A 241 -10.19 -14.04 17.68
C PRO A 241 -10.10 -15.35 16.89
N GLU A 242 -9.75 -16.46 17.53
CA GLU A 242 -9.67 -17.75 16.82
C GLU A 242 -10.99 -18.17 16.17
N SER A 243 -12.08 -17.93 16.88
CA SER A 243 -13.44 -18.21 16.40
C SER A 243 -13.76 -17.64 15.01
N LEU A 244 -13.13 -16.52 14.64
CA LEU A 244 -13.34 -15.98 13.29
C LEU A 244 -12.36 -16.60 12.30
N HIS A 245 -11.21 -17.03 12.80
CA HIS A 245 -10.26 -17.77 11.96
C HIS A 245 -10.84 -19.14 11.59
N ASP A 246 -11.48 -19.80 12.55
CA ASP A 246 -12.15 -21.07 12.28
C ASP A 246 -13.19 -20.87 11.19
N LEU A 247 -13.98 -19.80 11.31
CA LEU A 247 -14.98 -19.48 10.29
C LEU A 247 -14.30 -19.31 8.93
N MET A 248 -13.15 -18.64 8.91
CA MET A 248 -12.38 -18.55 7.69
C MET A 248 -12.07 -19.95 7.15
N CYS A 249 -11.44 -20.76 7.99
CA CYS A 249 -11.01 -22.09 7.61
C CYS A 249 -12.15 -23.00 7.10
N GLN A 250 -13.37 -22.77 7.57
CA GLN A 250 -14.52 -23.54 7.10
C GLN A 250 -14.83 -23.13 5.66
N CYS A 251 -14.72 -21.83 5.38
CA CYS A 251 -14.95 -21.33 4.03
C CYS A 251 -13.83 -21.76 3.09
N TRP A 252 -12.73 -22.28 3.65
CA TRP A 252 -11.57 -22.67 2.86
C TRP A 252 -11.35 -24.18 2.87
N ARG A 253 -12.40 -24.92 3.21
CA ARG A 253 -12.38 -26.38 3.11
C ARG A 253 -12.14 -26.80 1.66
N LYS A 254 -11.37 -27.87 1.48
CA LYS A 254 -11.01 -28.33 0.13
C LYS A 254 -12.23 -28.81 -0.67
N ASP A 255 -13.18 -29.42 0.02
CA ASP A 255 -14.41 -29.89 -0.62
C ASP A 255 -15.48 -28.81 -0.58
N PRO A 256 -15.84 -28.27 -1.75
CA PRO A 256 -16.78 -27.15 -1.85
C PRO A 256 -18.09 -27.39 -1.12
N GLU A 257 -18.45 -28.66 -0.90
CA GLU A 257 -19.72 -28.97 -0.25
C GLU A 257 -19.66 -28.90 1.28
N GLU A 258 -18.46 -29.03 1.83
CA GLU A 258 -18.24 -28.87 3.25
C GLU A 258 -18.44 -27.40 3.63
N ARG A 259 -18.13 -26.52 2.69
CA ARG A 259 -18.16 -25.08 2.94
C ARG A 259 -19.53 -24.62 3.38
N PRO A 260 -19.59 -23.74 4.39
CA PRO A 260 -20.85 -23.19 4.93
C PRO A 260 -21.66 -22.46 3.88
N THR A 261 -22.96 -22.32 4.11
CA THR A 261 -23.80 -21.49 3.26
C THR A 261 -23.71 -20.04 3.71
N PHE A 262 -24.21 -19.15 2.86
CA PHE A 262 -24.25 -17.74 3.21
C PHE A 262 -25.31 -17.47 4.30
N GLU A 263 -26.44 -18.14 4.20
CA GLU A 263 -27.48 -18.07 5.22
C GLU A 263 -26.94 -18.50 6.57
N TYR A 264 -25.97 -19.41 6.58
CA TYR A 264 -25.27 -19.73 7.81
C TYR A 264 -24.35 -18.57 8.18
N LEU A 265 -23.38 -18.28 7.31
CA LEU A 265 -22.41 -17.21 7.55
C LEU A 265 -23.10 -15.93 8.04
N GLN A 266 -24.27 -15.62 7.49
CA GLN A 266 -24.97 -14.40 7.88
C GLN A 266 -25.39 -14.46 9.34
N ALA A 267 -26.00 -15.57 9.72
CA ALA A 267 -26.53 -15.71 11.07
C ALA A 267 -25.40 -15.71 12.10
N PHE A 268 -24.32 -16.41 11.76
CA PHE A 268 -23.16 -16.53 12.65
C PHE A 268 -22.54 -15.16 12.95
N LEU A 269 -22.46 -14.30 11.94
CA LEU A 269 -21.83 -12.98 12.11
C LEU A 269 -22.74 -11.97 12.79
N GLU A 270 -24.05 -12.08 12.56
CA GLU A 270 -25.01 -11.24 13.25
C GLU A 270 -25.05 -11.57 14.75
N ASP A 271 -24.91 -12.84 15.09
CA ASP A 271 -24.96 -13.28 16.49
C ASP A 271 -23.58 -13.30 17.14
N TYR A 272 -22.56 -12.90 16.41
CA TYR A 272 -21.18 -13.14 16.84
C TYR A 272 -20.93 -12.78 18.30
N PHE A 273 -21.18 -11.52 18.67
CA PHE A 273 -20.75 -11.05 19.98
C PHE A 273 -21.63 -11.49 21.15
N THR A 274 -22.61 -12.34 20.85
CA THR A 274 -23.42 -12.95 21.90
C THR A 274 -23.20 -14.45 21.97
N SER A 275 -23.23 -15.11 20.81
CA SER A 275 -23.19 -16.56 20.75
C SER A 275 -21.77 -17.12 20.69
N THR A 276 -20.84 -16.35 20.14
CA THR A 276 -19.49 -16.85 19.89
C THR A 276 -18.39 -16.18 20.72
N GLU A 277 -18.37 -14.85 20.69
CA GLU A 277 -17.32 -14.12 21.42
C GLU A 277 -17.92 -13.12 22.40
N PRO A 278 -18.70 -13.61 23.37
CA PRO A 278 -19.34 -12.70 24.33
C PRO A 278 -18.33 -12.01 25.25
N GLN A 279 -17.19 -12.64 25.51
CA GLN A 279 -16.17 -12.04 26.38
C GLN A 279 -15.19 -11.13 25.62
N TYR A 280 -15.67 -10.46 24.57
CA TYR A 280 -14.78 -9.70 23.69
C TYR A 280 -14.33 -8.32 24.24
N GLN A 281 -13.03 -8.15 24.44
CA GLN A 281 -12.49 -6.87 24.87
C GLN A 281 -11.76 -6.19 23.71
N PRO A 282 -11.95 -4.86 23.56
CA PRO A 282 -11.28 -4.09 22.52
C PRO A 282 -9.75 -4.16 22.64
N GLY A 283 -9.08 -4.25 21.50
CA GLY A 283 -7.63 -4.27 21.48
C GLY A 283 -7.06 -3.02 20.84
N GLU A 284 -5.77 -3.07 20.52
CA GLU A 284 -5.09 -1.93 19.90
C GLU A 284 -5.54 -1.71 18.45
N ASN A 285 -5.88 -2.80 17.75
CA ASN A 285 -6.36 -2.71 16.37
C ASN A 285 -7.71 -3.34 16.07
N LEU A 286 -7.96 -4.54 16.61
CA LEU A 286 -9.26 -5.21 16.43
C LEU A 286 -10.13 -5.19 17.70
N ALA B 9 35.27 2.68 30.03
CA ALA B 9 35.65 3.08 28.68
C ALA B 9 34.97 2.19 27.63
N LYS B 10 35.78 1.57 26.78
CA LYS B 10 35.29 0.75 25.67
C LYS B 10 34.09 -0.15 26.02
N ASP B 11 33.24 -0.41 25.03
CA ASP B 11 32.14 -1.35 25.21
C ASP B 11 32.23 -2.47 24.16
N ALA B 12 31.33 -3.44 24.27
CA ALA B 12 31.43 -4.67 23.49
C ALA B 12 31.41 -4.46 21.97
N TRP B 13 31.40 -3.21 21.53
CA TRP B 13 31.44 -2.91 20.10
C TRP B 13 32.86 -2.65 19.61
N GLU B 14 33.76 -2.38 20.55
CA GLU B 14 35.14 -2.05 20.23
C GLU B 14 35.97 -3.23 19.71
N ILE B 15 36.96 -2.93 18.87
CA ILE B 15 37.88 -3.92 18.35
C ILE B 15 39.28 -3.32 18.23
N PRO B 16 40.29 -4.17 18.00
CA PRO B 16 41.64 -3.65 17.77
C PRO B 16 41.81 -3.22 16.32
N ARG B 17 42.61 -2.18 16.09
CA ARG B 17 42.84 -1.69 14.73
C ARG B 17 43.30 -2.84 13.84
N GLU B 18 44.31 -3.56 14.31
CA GLU B 18 44.97 -4.58 13.53
C GLU B 18 44.00 -5.51 12.81
N SER B 19 42.81 -5.68 13.38
CA SER B 19 41.82 -6.57 12.79
C SER B 19 41.16 -5.93 11.56
N LEU B 20 41.53 -4.69 11.28
CA LEU B 20 40.96 -3.95 10.15
C LEU B 20 41.96 -3.71 9.03
N ARG B 21 41.53 -3.97 7.79
CA ARG B 21 42.37 -3.71 6.62
C ARG B 21 41.64 -2.85 5.58
N LEU B 22 42.06 -1.60 5.46
CA LEU B 22 41.53 -0.69 4.45
C LEU B 22 42.09 -1.09 3.08
N GLU B 23 41.20 -1.29 2.11
CA GLU B 23 41.65 -1.79 0.81
C GLU B 23 41.39 -0.82 -0.35
N VAL B 24 40.15 -0.40 -0.51
CA VAL B 24 39.78 0.51 -1.60
C VAL B 24 39.04 1.72 -1.06
N LYS B 25 39.36 2.89 -1.60
CA LYS B 25 38.66 4.12 -1.21
C LYS B 25 37.37 4.25 -2.02
N LEU B 26 36.30 4.70 -1.38
CA LEU B 26 35.00 4.77 -2.04
C LEU B 26 34.51 6.20 -2.23
N GLY B 27 34.86 7.08 -1.30
CA GLY B 27 34.43 8.47 -1.38
C GLY B 27 34.92 9.26 -0.18
N GLN B 28 34.90 10.58 -0.31
CA GLN B 28 35.35 11.44 0.78
C GLN B 28 34.33 12.52 1.07
N GLY B 29 34.70 13.45 1.95
CA GLY B 29 33.83 14.53 2.35
C GLY B 29 34.40 15.28 3.53
N CYS B 30 33.61 16.21 4.07
CA CYS B 30 34.04 17.01 5.21
C CYS B 30 34.17 16.16 6.47
N PHE B 31 33.71 14.92 6.39
CA PHE B 31 33.76 14.01 7.53
C PHE B 31 34.59 12.76 7.24
N GLY B 32 35.89 12.93 7.05
CA GLY B 32 36.77 11.81 6.80
C GLY B 32 36.53 11.14 5.45
N GLU B 33 36.67 9.82 5.40
CA GLU B 33 36.50 9.07 4.16
C GLU B 33 35.61 7.84 4.36
N VAL B 34 35.39 7.09 3.28
CA VAL B 34 34.71 5.81 3.35
C VAL B 34 35.40 4.76 2.48
N TRP B 35 35.89 3.70 3.11
CA TRP B 35 36.61 2.64 2.40
C TRP B 35 35.87 1.32 2.38
N MET B 36 36.21 0.48 1.40
CA MET B 36 35.88 -0.94 1.48
C MET B 36 37.09 -1.64 2.11
N GLY B 37 36.85 -2.67 2.91
CA GLY B 37 37.93 -3.36 3.58
C GLY B 37 37.57 -4.73 4.09
N THR B 38 38.50 -5.34 4.82
CA THR B 38 38.28 -6.69 5.36
C THR B 38 38.45 -6.72 6.88
N TRP B 39 37.52 -7.36 7.56
CA TRP B 39 37.53 -7.45 9.01
C TRP B 39 37.90 -8.87 9.44
N ASN B 40 38.81 -8.98 10.41
CA ASN B 40 39.31 -10.28 10.84
C ASN B 40 39.71 -11.13 9.65
N GLY B 41 40.18 -10.48 8.59
CA GLY B 41 40.68 -11.16 7.40
C GLY B 41 39.71 -12.12 6.73
N THR B 42 38.42 -11.98 7.01
CA THR B 42 37.42 -12.91 6.45
C THR B 42 36.10 -12.23 6.08
N THR B 43 35.85 -11.06 6.65
CA THR B 43 34.57 -10.39 6.48
C THR B 43 34.73 -9.07 5.72
N ARG B 44 34.07 -8.95 4.58
CA ARG B 44 34.10 -7.70 3.83
C ARG B 44 33.23 -6.65 4.50
N VAL B 45 33.77 -5.46 4.66
CA VAL B 45 33.11 -4.40 5.42
C VAL B 45 33.32 -3.02 4.79
N ALA B 46 32.56 -2.03 5.25
CA ALA B 46 32.81 -0.65 4.89
C ALA B 46 33.38 0.08 6.11
N ILE B 47 34.43 0.87 5.88
CA ILE B 47 35.09 1.58 6.97
C ILE B 47 35.05 3.09 6.75
N LYS B 48 34.63 3.82 7.78
CA LYS B 48 34.43 5.26 7.68
C LYS B 48 35.42 6.01 8.58
N THR B 49 36.51 6.48 7.99
CA THR B 49 37.60 7.12 8.73
C THR B 49 37.24 8.51 9.25
N MET B 55 36.77 17.69 12.69
CA MET B 55 35.69 17.28 13.59
C MET B 55 36.22 16.65 14.87
N SER B 56 35.46 16.79 15.96
CA SER B 56 35.82 16.20 17.24
C SER B 56 35.43 14.73 17.27
N PRO B 57 36.24 13.90 17.95
CA PRO B 57 35.97 12.46 18.08
C PRO B 57 34.60 12.24 18.72
N GLU B 58 34.34 12.96 19.81
CA GLU B 58 33.07 12.85 20.51
C GLU B 58 31.89 13.07 19.57
N ALA B 59 32.05 14.03 18.66
CA ALA B 59 30.99 14.34 17.70
C ALA B 59 30.87 13.25 16.65
N PHE B 60 32.02 12.78 16.16
CA PHE B 60 32.06 11.76 15.12
C PHE B 60 31.53 10.41 15.62
N LEU B 61 31.79 10.12 16.90
CA LEU B 61 31.34 8.88 17.50
C LEU B 61 29.85 8.90 17.83
N GLN B 62 29.27 10.09 17.86
CA GLN B 62 27.85 10.23 18.14
C GLN B 62 27.02 9.41 17.17
N GLU B 63 27.47 9.33 15.91
CA GLU B 63 26.76 8.55 14.89
C GLU B 63 26.86 7.05 15.13
N ALA B 64 27.98 6.62 15.71
CA ALA B 64 28.13 5.22 16.06
C ALA B 64 27.25 4.87 17.26
N GLN B 65 27.16 5.79 18.21
CA GLN B 65 26.34 5.58 19.41
C GLN B 65 24.89 5.31 19.03
N VAL B 66 24.47 5.95 17.95
CA VAL B 66 23.11 5.83 17.44
C VAL B 66 22.91 4.50 16.70
N MET B 67 23.93 4.07 15.97
CA MET B 67 23.85 2.84 15.19
C MET B 67 23.95 1.61 16.07
N LYS B 68 24.25 1.80 17.36
CA LYS B 68 24.37 0.70 18.30
C LYS B 68 23.01 0.19 18.78
N LYS B 69 22.07 1.11 18.97
CA LYS B 69 20.74 0.77 19.45
C LYS B 69 19.78 0.49 18.30
N ILE B 70 20.31 0.44 17.08
CA ILE B 70 19.51 0.19 15.90
C ILE B 70 19.86 -1.13 15.23
N ARG B 71 18.84 -1.88 14.82
CA ARG B 71 19.04 -3.15 14.14
C ARG B 71 17.82 -3.52 13.31
N HIS B 72 17.91 -3.34 12.00
CA HIS B 72 16.82 -3.66 11.09
C HIS B 72 17.39 -3.98 9.71
N GLU B 73 16.83 -4.97 9.04
CA GLU B 73 17.37 -5.44 7.77
C GLU B 73 17.41 -4.35 6.69
N LYS B 74 16.67 -3.27 6.91
CA LYS B 74 16.62 -2.18 5.94
C LYS B 74 17.37 -0.95 6.42
N LEU B 75 18.14 -1.11 7.49
CA LEU B 75 19.04 -0.07 7.94
C LEU B 75 20.44 -0.65 7.96
N VAL B 76 21.40 0.12 7.43
CA VAL B 76 22.79 -0.29 7.40
C VAL B 76 23.28 -0.64 8.79
N GLN B 77 23.90 -1.81 8.91
CA GLN B 77 24.23 -2.40 10.20
C GLN B 77 25.66 -2.11 10.67
N LEU B 78 25.78 -1.69 11.92
CA LEU B 78 27.10 -1.55 12.55
C LEU B 78 27.71 -2.95 12.76
N TYR B 79 29.03 -3.03 12.69
CA TYR B 79 29.72 -4.28 12.95
C TYR B 79 30.68 -4.12 14.12
N ALA B 80 31.47 -3.05 14.08
CA ALA B 80 32.49 -2.83 15.08
C ALA B 80 32.96 -1.38 15.04
N VAL B 81 33.70 -0.97 16.06
CA VAL B 81 34.27 0.37 16.09
C VAL B 81 35.68 0.35 16.67
N VAL B 82 36.45 1.37 16.33
CA VAL B 82 37.74 1.63 16.98
C VAL B 82 37.64 3.05 17.54
N SER B 83 37.30 3.14 18.82
CA SER B 83 36.88 4.42 19.40
C SER B 83 38.02 5.28 19.93
N GLU B 84 39.26 4.84 19.73
CA GLU B 84 40.42 5.65 20.10
C GLU B 84 41.14 6.10 18.83
N GLU B 85 41.47 7.39 18.76
CA GLU B 85 42.05 7.98 17.56
C GLU B 85 43.30 7.25 17.07
N PRO B 86 43.44 7.12 15.74
CA PRO B 86 42.42 7.56 14.76
C PRO B 86 41.22 6.60 14.74
N ILE B 87 40.03 7.15 14.54
CA ILE B 87 38.78 6.40 14.67
C ILE B 87 38.32 5.76 13.37
N TYR B 88 37.71 4.58 13.50
CA TYR B 88 37.09 3.90 12.37
C TYR B 88 35.74 3.36 12.80
N ILE B 89 34.71 3.60 12.00
CA ILE B 89 33.44 2.94 12.21
C ILE B 89 33.26 1.88 11.13
N VAL B 90 32.77 0.71 11.52
CA VAL B 90 32.65 -0.39 10.57
C VAL B 90 31.19 -0.81 10.41
N THR B 91 30.80 -1.15 9.19
CA THR B 91 29.46 -1.62 8.91
C THR B 91 29.50 -2.67 7.84
N GLU B 92 28.37 -3.31 7.57
CA GLU B 92 28.24 -4.18 6.41
C GLU B 92 28.59 -3.36 5.17
N TYR B 93 28.86 -4.04 4.05
CA TYR B 93 29.21 -3.34 2.82
C TYR B 93 28.13 -3.47 1.74
N MET B 94 27.66 -2.33 1.23
CA MET B 94 26.68 -2.32 0.13
C MET B 94 27.39 -2.20 -1.21
N SER B 95 27.06 -3.10 -2.15
CA SER B 95 27.86 -3.25 -3.38
C SER B 95 27.58 -2.31 -4.55
N LYS B 96 26.57 -1.43 -4.44
CA LYS B 96 26.19 -0.59 -5.60
C LYS B 96 26.28 0.91 -5.36
N GLY B 97 26.61 1.30 -4.13
CA GLY B 97 26.71 2.71 -3.78
C GLY B 97 25.38 3.36 -3.51
N SER B 98 25.35 4.69 -3.49
CA SER B 98 24.12 5.41 -3.17
C SER B 98 23.04 5.13 -4.20
N LEU B 99 21.79 5.20 -3.76
CA LEU B 99 20.66 4.99 -4.65
C LEU B 99 20.63 6.08 -5.72
N LEU B 100 21.23 7.23 -5.42
CA LEU B 100 21.25 8.35 -6.36
C LEU B 100 22.18 8.12 -7.53
N ASP B 101 23.34 7.51 -7.28
CA ASP B 101 24.28 7.16 -8.34
C ASP B 101 23.75 5.99 -9.14
N PHE B 102 23.09 5.07 -8.45
CA PHE B 102 22.47 3.92 -9.09
C PHE B 102 21.38 4.36 -10.04
N LEU B 103 20.52 5.25 -9.56
CA LEU B 103 19.33 5.70 -10.30
C LEU B 103 19.68 6.40 -11.60
N LYS B 104 20.73 7.23 -11.57
CA LYS B 104 21.13 8.02 -12.76
C LYS B 104 22.29 7.39 -13.55
N GLY B 105 22.80 6.27 -13.06
CA GLY B 105 23.84 5.51 -13.75
C GLY B 105 23.28 4.54 -14.77
N GLU B 106 24.11 3.57 -15.17
CA GLU B 106 23.77 2.57 -16.18
C GLU B 106 22.48 1.77 -15.90
N MET B 107 22.20 1.50 -14.63
CA MET B 107 20.95 0.82 -14.24
C MET B 107 19.71 1.70 -14.39
N GLY B 108 19.90 3.00 -14.41
CA GLY B 108 18.78 3.91 -14.58
C GLY B 108 17.79 3.45 -15.65
N LYS B 109 18.30 3.24 -16.85
CA LYS B 109 17.45 3.07 -18.03
C LYS B 109 16.64 1.77 -18.06
N TYR B 110 16.93 0.83 -17.16
CA TYR B 110 16.24 -0.45 -17.18
C TYR B 110 15.16 -0.57 -16.09
N LEU B 111 15.28 0.27 -15.05
CA LEU B 111 14.30 0.32 -13.95
C LEU B 111 12.94 0.86 -14.39
N ARG B 112 11.89 0.19 -13.93
CA ARG B 112 10.54 0.66 -14.14
C ARG B 112 9.77 0.76 -12.80
N LEU B 113 8.47 1.07 -12.87
CA LEU B 113 7.66 1.25 -11.66
C LEU B 113 7.76 0.09 -10.66
N PRO B 114 7.55 -1.15 -11.11
CA PRO B 114 7.66 -2.24 -10.12
C PRO B 114 8.99 -2.24 -9.38
N GLN B 115 10.10 -2.11 -10.07
CA GLN B 115 11.41 -2.11 -9.40
C GLN B 115 11.56 -0.92 -8.46
N LEU B 116 11.08 0.23 -8.90
CA LEU B 116 11.23 1.46 -8.12
C LEU B 116 10.30 1.51 -6.89
N VAL B 117 9.06 1.07 -7.06
CA VAL B 117 8.11 1.08 -5.96
C VAL B 117 8.53 0.07 -4.89
N ASP B 118 9.32 -0.92 -5.30
CA ASP B 118 9.79 -1.95 -4.39
C ASP B 118 10.99 -1.43 -3.60
N MET B 119 11.84 -0.64 -4.26
CA MET B 119 12.96 -0.01 -3.55
C MET B 119 12.42 0.91 -2.48
N ALA B 120 11.45 1.73 -2.89
CA ALA B 120 10.73 2.64 -2.01
C ALA B 120 10.15 1.92 -0.79
N ALA B 121 9.45 0.81 -1.05
CA ALA B 121 8.85 0.03 0.04
C ALA B 121 9.87 -0.31 1.14
N GLN B 122 11.03 -0.83 0.77
CA GLN B 122 12.06 -1.22 1.74
C GLN B 122 12.50 -0.01 2.55
N ILE B 123 12.68 1.12 1.88
CA ILE B 123 13.07 2.33 2.57
C ILE B 123 11.99 2.64 3.62
N ALA B 124 10.74 2.54 3.21
CA ALA B 124 9.60 2.80 4.09
C ALA B 124 9.55 1.77 5.19
N SER B 125 10.13 0.60 4.94
CA SER B 125 10.16 -0.46 5.93
C SER B 125 11.20 -0.14 7.00
N GLY B 126 12.40 0.24 6.55
CA GLY B 126 13.43 0.71 7.45
C GLY B 126 12.97 1.94 8.21
N MET B 127 12.33 2.88 7.52
CA MET B 127 11.85 4.10 8.14
C MET B 127 10.69 3.83 9.10
N ALA B 128 9.95 2.76 8.84
CA ALA B 128 8.88 2.35 9.74
C ALA B 128 9.48 1.86 11.04
N TYR B 129 10.62 1.18 10.95
CA TYR B 129 11.33 0.73 12.13
C TYR B 129 11.82 1.93 12.92
N VAL B 130 12.47 2.86 12.23
CA VAL B 130 12.89 4.13 12.83
C VAL B 130 11.71 4.82 13.50
N GLU B 131 10.58 4.86 12.81
CA GLU B 131 9.32 5.38 13.36
C GLU B 131 8.95 4.68 14.67
N ARG B 132 8.98 3.36 14.67
CA ARG B 132 8.64 2.54 15.85
C ARG B 132 9.51 2.87 17.07
N MET B 133 10.80 3.07 16.83
CA MET B 133 11.75 3.34 17.90
C MET B 133 11.73 4.80 18.34
N ASN B 134 10.80 5.58 17.78
CA ASN B 134 10.70 7.00 18.10
C ASN B 134 11.95 7.79 17.74
N TYR B 135 12.66 7.33 16.72
CA TYR B 135 13.82 8.04 16.22
C TYR B 135 13.44 8.97 15.07
N VAL B 136 14.33 9.90 14.77
CA VAL B 136 14.18 10.75 13.59
C VAL B 136 15.47 10.64 12.78
N HIS B 137 15.35 10.65 11.47
CA HIS B 137 16.53 10.55 10.60
C HIS B 137 17.10 11.93 10.27
N ARG B 138 16.27 12.80 9.70
CA ARG B 138 16.61 14.21 9.48
C ARG B 138 17.22 14.49 8.11
N ASP B 139 17.75 13.47 7.45
CA ASP B 139 18.35 13.67 6.15
C ASP B 139 18.02 12.52 5.19
N LEU B 140 16.75 12.14 5.19
CA LEU B 140 16.23 11.18 4.26
C LEU B 140 16.26 11.73 2.83
N ARG B 141 16.98 11.06 1.96
CA ARG B 141 16.97 11.35 0.53
C ARG B 141 17.82 10.29 -0.18
N ALA B 142 17.70 10.22 -1.51
CA ALA B 142 18.32 9.13 -2.29
C ALA B 142 19.81 9.00 -2.05
N ALA B 143 20.51 10.14 -2.01
CA ALA B 143 21.95 10.17 -1.77
C ALA B 143 22.34 9.40 -0.49
N ASN B 144 21.38 9.23 0.40
CA ASN B 144 21.64 8.60 1.69
C ASN B 144 20.97 7.25 1.81
N ILE B 145 20.66 6.65 0.67
CA ILE B 145 20.21 5.27 0.61
C ILE B 145 21.29 4.48 -0.13
N LEU B 146 21.67 3.33 0.41
CA LEU B 146 22.65 2.49 -0.26
C LEU B 146 21.99 1.28 -0.89
N VAL B 147 22.53 0.85 -2.03
CA VAL B 147 21.96 -0.28 -2.74
C VAL B 147 22.89 -1.48 -2.65
N GLY B 148 22.32 -2.67 -2.71
CA GLY B 148 23.10 -3.90 -2.65
C GLY B 148 22.77 -4.84 -3.79
N GLU B 149 23.02 -6.12 -3.60
CA GLU B 149 22.70 -7.09 -4.64
C GLU B 149 21.19 -7.32 -4.69
N ASN B 150 20.66 -7.46 -5.90
CA ASN B 150 19.23 -7.73 -6.06
C ASN B 150 18.32 -6.57 -5.63
N LEU B 151 18.74 -5.35 -5.93
CA LEU B 151 17.95 -4.16 -5.61
C LEU B 151 17.60 -4.02 -4.13
N VAL B 152 18.50 -4.44 -3.25
CA VAL B 152 18.28 -4.24 -1.82
C VAL B 152 18.63 -2.82 -1.43
N CYS B 153 17.68 -2.10 -0.85
CA CYS B 153 17.91 -0.71 -0.47
C CYS B 153 17.85 -0.57 1.06
N LYS B 154 18.89 0.00 1.64
CA LYS B 154 18.95 0.22 3.08
C LYS B 154 19.21 1.68 3.44
N VAL B 155 18.46 2.21 4.41
CA VAL B 155 18.70 3.56 4.90
C VAL B 155 20.12 3.65 5.45
N ALA B 156 20.77 4.79 5.22
CA ALA B 156 22.15 4.95 5.63
C ALA B 156 22.33 6.28 6.35
N ASP B 157 23.50 6.48 6.96
CA ASP B 157 23.86 7.75 7.60
C ASP B 157 22.90 8.26 8.66
N PHE B 158 23.22 7.97 9.91
CA PHE B 158 22.40 8.35 11.04
C PHE B 158 23.16 9.36 11.89
N GLY B 159 24.11 10.05 11.27
CA GLY B 159 24.95 11.02 11.96
C GLY B 159 24.18 12.21 12.49
N LEU B 160 22.96 12.37 11.98
CA LEU B 160 22.07 13.43 12.45
C LEU B 160 20.82 12.84 13.09
N ALA B 161 20.76 11.52 13.20
CA ALA B 161 19.60 10.83 13.76
C ALA B 161 19.47 11.00 15.28
N ARG B 162 18.41 11.69 15.72
CA ARG B 162 18.22 12.00 17.13
C ARG B 162 17.00 11.31 17.78
N LEU B 163 16.71 11.68 19.02
CA LEU B 163 15.62 11.10 19.80
C LEU B 163 15.88 9.66 20.21
N PHE B 177 22.81 22.85 2.89
CA PHE B 177 21.56 22.41 3.51
C PHE B 177 20.62 21.80 2.46
N PRO B 178 20.01 20.65 2.80
CA PRO B 178 19.13 19.92 1.88
C PRO B 178 17.71 20.47 1.89
N ILE B 179 17.55 21.77 1.68
CA ILE B 179 16.26 22.45 1.69
C ILE B 179 15.19 21.79 0.82
N LYS B 180 15.58 21.32 -0.37
CA LYS B 180 14.63 20.75 -1.30
C LYS B 180 14.07 19.43 -0.81
N TRP B 181 14.65 18.92 0.27
CA TRP B 181 14.26 17.63 0.83
C TRP B 181 13.62 17.80 2.20
N THR B 182 13.76 18.99 2.78
CA THR B 182 13.36 19.27 4.14
C THR B 182 12.00 19.92 4.23
N ALA B 183 11.20 19.48 5.20
CA ALA B 183 9.88 20.03 5.41
C ALA B 183 9.99 21.45 5.94
N PRO B 184 9.05 22.31 5.54
CA PRO B 184 8.98 23.71 6.00
C PRO B 184 9.23 23.86 7.49
N GLU B 185 8.37 23.25 8.30
CA GLU B 185 8.44 23.41 9.75
C GLU B 185 9.83 23.10 10.29
N ALA B 186 10.54 22.20 9.61
CA ALA B 186 11.86 21.78 10.08
C ALA B 186 12.94 22.73 9.58
N ALA B 187 12.74 23.25 8.37
CA ALA B 187 13.72 24.12 7.74
C ALA B 187 13.55 25.56 8.21
N LEU B 188 12.36 25.89 8.69
CA LEU B 188 12.06 27.24 9.17
C LEU B 188 12.21 27.38 10.67
N TYR B 189 11.49 26.55 11.41
CA TYR B 189 11.41 26.67 12.86
C TYR B 189 12.13 25.53 13.59
N GLY B 190 12.90 24.74 12.84
CA GLY B 190 13.70 23.68 13.41
C GLY B 190 12.89 22.52 14.00
N ARG B 191 11.62 22.40 13.61
CA ARG B 191 10.77 21.35 14.15
C ARG B 191 10.88 20.03 13.37
N PHE B 192 11.95 19.29 13.64
CA PHE B 192 12.21 18.02 12.99
C PHE B 192 11.45 16.91 13.68
N THR B 193 10.81 16.04 12.89
CA THR B 193 10.12 14.87 13.41
C THR B 193 10.04 13.78 12.36
N ILE B 194 9.55 12.62 12.76
CA ILE B 194 9.32 11.52 11.81
C ILE B 194 8.34 11.99 10.75
N LYS B 195 7.58 13.04 11.08
CA LYS B 195 6.62 13.61 10.15
C LYS B 195 7.25 14.50 9.08
N SER B 196 8.41 15.08 9.38
CA SER B 196 9.15 15.83 8.37
C SER B 196 10.04 14.86 7.60
N ASP B 197 10.45 13.78 8.26
CA ASP B 197 11.09 12.66 7.57
C ASP B 197 10.16 12.14 6.48
N VAL B 198 8.86 12.09 6.77
CA VAL B 198 7.87 11.64 5.80
C VAL B 198 7.85 12.60 4.61
N TRP B 199 7.89 13.90 4.89
CA TRP B 199 8.04 14.89 3.83
C TRP B 199 9.19 14.52 2.88
N SER B 200 10.36 14.24 3.46
CA SER B 200 11.54 13.89 2.67
C SER B 200 11.28 12.65 1.83
N PHE B 201 10.62 11.67 2.44
CA PHE B 201 10.26 10.46 1.73
C PHE B 201 9.43 10.86 0.51
N GLY B 202 8.53 11.81 0.69
CA GLY B 202 7.72 12.32 -0.41
C GLY B 202 8.59 12.88 -1.52
N ILE B 203 9.65 13.59 -1.11
CA ILE B 203 10.57 14.16 -2.07
C ILE B 203 11.42 13.05 -2.69
N LEU B 204 11.75 12.05 -1.87
CA LEU B 204 12.52 10.90 -2.31
C LEU B 204 11.78 10.09 -3.39
N LEU B 205 10.44 10.13 -3.34
CA LEU B 205 9.61 9.48 -4.36
C LEU B 205 9.70 10.12 -5.73
N THR B 206 10.00 11.41 -5.78
CA THR B 206 10.25 12.06 -7.06
C THR B 206 11.61 11.63 -7.64
N GLU B 207 12.59 11.41 -6.76
CA GLU B 207 13.89 10.94 -7.19
C GLU B 207 13.78 9.55 -7.83
N LEU B 208 13.02 8.67 -7.20
CA LEU B 208 12.79 7.31 -7.71
C LEU B 208 12.01 7.29 -9.02
N THR B 209 11.21 8.34 -9.26
CA THR B 209 10.34 8.38 -10.43
C THR B 209 10.88 9.24 -11.57
N THR B 210 11.91 10.03 -11.28
CA THR B 210 12.57 10.80 -12.34
C THR B 210 13.96 10.24 -12.59
N LYS B 211 14.24 9.08 -12.00
CA LYS B 211 15.53 8.41 -12.16
C LYS B 211 16.69 9.29 -11.70
N GLY B 212 16.52 10.04 -10.62
CA GLY B 212 17.64 10.74 -9.99
C GLY B 212 17.70 12.24 -10.15
N ARG B 213 16.66 12.84 -10.71
CA ARG B 213 16.64 14.28 -10.98
C ARG B 213 16.38 15.18 -9.77
N VAL B 214 17.22 16.19 -9.59
CA VAL B 214 17.08 17.16 -8.52
C VAL B 214 15.65 17.71 -8.46
N PRO B 215 15.03 17.67 -7.27
CA PRO B 215 13.64 18.13 -7.03
C PRO B 215 13.47 19.62 -7.34
N TYR B 216 12.29 20.00 -7.82
CA TYR B 216 12.00 21.39 -8.17
C TYR B 216 12.95 21.94 -9.22
N PRO B 217 13.02 21.29 -10.40
CA PRO B 217 13.97 21.64 -11.46
C PRO B 217 13.99 23.13 -11.80
N GLY B 218 15.18 23.69 -11.91
CA GLY B 218 15.33 25.10 -12.29
C GLY B 218 14.96 26.07 -11.20
N MET B 219 14.61 25.55 -10.03
CA MET B 219 14.33 26.38 -8.88
C MET B 219 15.50 26.34 -7.91
N VAL B 220 15.88 27.51 -7.42
CA VAL B 220 16.94 27.63 -6.43
C VAL B 220 16.32 27.57 -5.05
N ASN B 221 17.16 27.41 -4.03
CA ASN B 221 16.69 27.26 -2.65
C ASN B 221 15.68 28.29 -2.16
N ARG B 222 15.97 29.57 -2.36
CA ARG B 222 15.13 30.65 -1.88
C ARG B 222 13.70 30.62 -2.45
N GLU B 223 13.55 30.32 -3.74
CA GLU B 223 12.19 30.28 -4.31
C GLU B 223 11.43 29.00 -3.97
N VAL B 224 12.16 27.95 -3.60
CA VAL B 224 11.54 26.73 -3.11
C VAL B 224 10.82 26.98 -1.80
N LEU B 225 11.52 27.63 -0.86
CA LEU B 225 10.93 28.03 0.41
C LEU B 225 9.67 28.86 0.16
N ASP B 226 9.81 29.92 -0.61
CA ASP B 226 8.70 30.84 -0.90
C ASP B 226 7.52 30.11 -1.52
N GLN B 227 7.79 29.42 -2.62
CA GLN B 227 6.74 28.70 -3.35
C GLN B 227 6.05 27.61 -2.52
N VAL B 228 6.85 26.80 -1.82
CA VAL B 228 6.32 25.69 -1.04
C VAL B 228 5.51 26.23 0.15
N GLU B 229 5.95 27.35 0.70
CA GLU B 229 5.22 28.02 1.76
C GLU B 229 3.95 28.65 1.19
N ARG B 230 3.97 28.93 -0.12
CA ARG B 230 2.82 29.51 -0.80
C ARG B 230 1.91 28.45 -1.44
N GLY B 231 2.12 27.19 -1.07
CA GLY B 231 1.25 26.10 -1.50
C GLY B 231 1.70 25.29 -2.70
N TYR B 232 2.74 25.74 -3.37
CA TYR B 232 3.27 25.02 -4.53
C TYR B 232 3.76 23.60 -4.20
N ARG B 233 3.52 22.67 -5.13
CA ARG B 233 4.02 21.30 -5.04
C ARG B 233 4.39 20.83 -6.45
N MET B 234 5.47 20.07 -6.58
CA MET B 234 5.84 19.51 -7.89
C MET B 234 4.69 18.71 -8.46
N PRO B 235 4.49 18.78 -9.77
CA PRO B 235 3.40 18.04 -10.40
C PRO B 235 3.74 16.56 -10.56
N CYS B 236 2.80 15.80 -11.12
CA CYS B 236 3.02 14.41 -11.42
C CYS B 236 4.14 14.24 -12.45
N PRO B 237 5.22 13.54 -12.06
CA PRO B 237 6.30 13.25 -13.00
C PRO B 237 5.77 12.47 -14.19
N PRO B 238 6.40 12.65 -15.37
CA PRO B 238 6.04 11.95 -16.62
C PRO B 238 5.88 10.44 -16.40
N GLU B 239 4.76 9.90 -16.85
CA GLU B 239 4.45 8.48 -16.76
C GLU B 239 4.27 7.97 -15.34
N CYS B 240 4.28 8.85 -14.35
CA CYS B 240 4.03 8.41 -12.98
C CYS B 240 2.55 8.37 -12.76
N PRO B 241 2.02 7.20 -12.38
CA PRO B 241 0.57 7.08 -12.16
C PRO B 241 0.14 8.16 -11.18
N GLU B 242 -1.07 8.70 -11.31
CA GLU B 242 -1.57 9.72 -10.39
C GLU B 242 -1.60 9.24 -8.93
N SER B 243 -1.99 7.98 -8.74
CA SER B 243 -2.07 7.35 -7.42
C SER B 243 -0.78 7.46 -6.60
N LEU B 244 0.37 7.55 -7.27
CA LEU B 244 1.64 7.70 -6.56
C LEU B 244 1.94 9.17 -6.33
N HIS B 245 1.40 10.02 -7.20
CA HIS B 245 1.52 11.45 -7.01
C HIS B 245 0.67 11.89 -5.81
N ASP B 246 -0.51 11.31 -5.67
CA ASP B 246 -1.35 11.58 -4.52
C ASP B 246 -0.59 11.20 -3.26
N LEU B 247 0.04 10.03 -3.28
CA LEU B 247 0.82 9.59 -2.13
C LEU B 247 1.92 10.59 -1.81
N MET B 248 2.59 11.09 -2.85
CA MET B 248 3.53 12.18 -2.67
C MET B 248 2.87 13.36 -1.96
N CYS B 249 1.77 13.85 -2.52
CA CYS B 249 1.06 15.01 -1.99
C CYS B 249 0.61 14.85 -0.54
N GLN B 250 0.33 13.63 -0.12
CA GLN B 250 -0.07 13.38 1.26
C GLN B 250 1.14 13.58 2.18
N CYS B 251 2.31 13.15 1.71
CA CYS B 251 3.54 13.32 2.46
C CYS B 251 3.96 14.80 2.49
N TRP B 252 3.34 15.61 1.64
CA TRP B 252 3.68 17.02 1.51
C TRP B 252 2.59 17.94 2.03
N ARG B 253 1.68 17.39 2.82
CA ARG B 253 0.67 18.18 3.51
C ARG B 253 1.31 19.22 4.44
N LYS B 254 0.72 20.41 4.50
CA LYS B 254 1.30 21.50 5.29
C LYS B 254 1.34 21.19 6.78
N ASP B 255 0.33 20.47 7.25
CA ASP B 255 0.27 20.09 8.66
C ASP B 255 0.93 18.73 8.89
N PRO B 256 2.07 18.73 9.59
CA PRO B 256 2.86 17.51 9.79
C PRO B 256 2.05 16.35 10.31
N GLU B 257 0.92 16.61 10.95
CA GLU B 257 0.12 15.54 11.56
C GLU B 257 -0.82 14.87 10.56
N GLU B 258 -1.14 15.57 9.48
CA GLU B 258 -1.94 15.01 8.41
C GLU B 258 -1.11 13.96 7.66
N ARG B 259 0.19 14.18 7.63
CA ARG B 259 1.11 13.33 6.88
C ARG B 259 1.02 11.87 7.34
N PRO B 260 1.01 10.93 6.38
CA PRO B 260 0.90 9.49 6.65
C PRO B 260 2.06 8.99 7.51
N THR B 261 1.86 7.85 8.17
CA THR B 261 2.95 7.20 8.87
C THR B 261 3.76 6.33 7.91
N PHE B 262 4.93 5.90 8.37
CA PHE B 262 5.74 5.00 7.57
C PHE B 262 5.11 3.60 7.48
N GLU B 263 4.55 3.15 8.60
CA GLU B 263 3.82 1.89 8.64
C GLU B 263 2.67 1.89 7.63
N TYR B 264 2.09 3.06 7.40
CA TYR B 264 1.13 3.20 6.32
C TYR B 264 1.84 3.13 4.96
N LEU B 265 2.74 4.09 4.73
CA LEU B 265 3.50 4.15 3.49
C LEU B 265 4.07 2.79 3.08
N GLN B 266 4.55 2.02 4.05
CA GLN B 266 5.10 0.71 3.75
C GLN B 266 4.06 -0.23 3.16
N ALA B 267 2.91 -0.30 3.80
CA ALA B 267 1.87 -1.23 3.40
C ALA B 267 1.32 -0.85 2.03
N PHE B 268 1.14 0.47 1.84
CA PHE B 268 0.59 0.99 0.58
C PHE B 268 1.47 0.65 -0.62
N LEU B 269 2.79 0.71 -0.44
CA LEU B 269 3.73 0.44 -1.53
C LEU B 269 3.94 -1.06 -1.76
N GLU B 270 3.86 -1.86 -0.69
CA GLU B 270 3.92 -3.31 -0.86
C GLU B 270 2.70 -3.85 -1.62
N ASP B 271 1.53 -3.28 -1.34
CA ASP B 271 0.29 -3.72 -1.98
C ASP B 271 0.00 -2.97 -3.29
N TYR B 272 0.90 -2.08 -3.68
CA TYR B 272 0.58 -1.14 -4.76
C TYR B 272 -0.07 -1.77 -5.99
N PHE B 273 0.60 -2.74 -6.60
CA PHE B 273 0.14 -3.27 -7.87
C PHE B 273 -1.05 -4.23 -7.79
N THR B 274 -1.60 -4.39 -6.58
CA THR B 274 -2.83 -5.14 -6.43
C THR B 274 -3.98 -4.25 -5.96
N SER B 275 -3.71 -3.43 -4.95
CA SER B 275 -4.76 -2.65 -4.30
C SER B 275 -4.99 -1.28 -4.95
N THR B 276 -3.95 -0.74 -5.59
CA THR B 276 -4.02 0.62 -6.11
C THR B 276 -3.96 0.71 -7.63
N GLU B 277 -2.93 0.11 -8.22
CA GLU B 277 -2.74 0.18 -9.66
C GLU B 277 -2.69 -1.20 -10.32
N PRO B 278 -3.77 -1.98 -10.17
CA PRO B 278 -3.79 -3.33 -10.72
C PRO B 278 -3.77 -3.35 -12.24
N GLN B 279 -4.29 -2.30 -12.89
CA GLN B 279 -4.29 -2.24 -14.34
C GLN B 279 -3.01 -1.63 -14.93
N TYR B 280 -1.88 -1.85 -14.28
CA TYR B 280 -0.63 -1.19 -14.65
C TYR B 280 0.07 -1.79 -15.88
N GLN B 281 0.22 -0.98 -16.93
CA GLN B 281 0.95 -1.41 -18.12
C GLN B 281 2.30 -0.68 -18.24
N PRO B 282 3.38 -1.44 -18.48
CA PRO B 282 4.71 -0.82 -18.60
C PRO B 282 4.75 0.21 -19.71
N GLY B 283 5.57 1.23 -19.54
CA GLY B 283 5.73 2.25 -20.55
C GLY B 283 7.16 2.44 -20.95
N GLU B 284 7.41 3.50 -21.70
CA GLU B 284 8.73 3.81 -22.23
C GLU B 284 9.77 3.99 -21.13
N ASN B 285 9.35 4.51 -19.97
CA ASN B 285 10.26 4.83 -18.86
C ASN B 285 9.87 4.26 -17.50
N LEU B 286 8.57 4.30 -17.20
CA LEU B 286 8.05 3.76 -15.94
C LEU B 286 6.99 2.68 -16.18
C1 1N1 C . -21.92 3.31 -7.16
C2 1N1 C . -20.96 2.94 -8.02
C3 1N1 C . -21.09 1.99 -9.19
N6 1N1 C . -14.30 9.28 -2.03
C7 1N1 C . -23.16 -0.92 -12.65
C7 1N1 C . -23.12 -0.90 -12.66
C8 1N1 C . -23.27 0.47 -12.80
C8 1N1 C . -22.75 -1.45 -11.44
C9 1N1 C . -22.99 1.31 -11.72
C9 1N1 C . -22.47 -0.62 -10.34
C10 1N1 C . -23.10 2.83 -11.89
C10 1N1 C . -22.05 -1.24 -9.01
C11 1N1 C . -18.24 5.63 -5.52
C12 1N1 C . -17.71 6.60 -4.67
C13 1N1 C . -16.35 6.90 -4.77
C14 1N1 C . -16.13 5.29 -6.48
C15 1N1 C . -15.27 4.54 -7.52
C16 1N1 C . -14.30 8.20 -4.23
C19 1N1 C . -16.49 8.69 -2.98
C20 1N1 C . -13.49 9.48 -0.82
C21 1N1 C . -14.36 9.80 0.41
N 1N1 C . -19.54 5.33 -5.48
C 1N1 C . -20.18 4.50 -6.31
N1 1N1 C . -21.49 4.18 -6.21
S 1N1 C . -19.51 3.67 -7.64
N2 1N1 C . -22.33 1.60 -9.45
C4 1N1 C . -22.59 0.78 -10.48
C4 1N1 C . -22.58 0.78 -10.48
C5 1N1 C . -22.49 -0.61 -10.35
C5 1N1 C . -22.95 1.33 -11.70
C6 1N1 C . -22.77 -1.46 -11.42
C6 1N1 C . -23.23 0.50 -12.79
CL 1N1 C . -22.00 -1.28 -8.82
CL 1N1 C . -23.08 3.06 -11.83
O 1N1 C . -20.09 1.61 -9.81
N3 1N1 C . -15.59 6.24 -5.68
N4 1N1 C . -17.43 5.00 -6.39
N5 1N1 C . -15.74 7.88 -3.96
C17 1N1 C . -13.55 8.40 -2.93
C18 1N1 C . -15.66 8.81 -1.71
O1 1N1 C . -13.51 9.99 1.56
C1 1N1 D . 28.36 1.00 3.43
C2 1N1 D . 28.87 2.23 3.50
C3 1N1 D . 28.91 3.16 4.70
N6 1N1 D . 30.79 1.23 -7.20
C7 1N1 D . 28.77 4.82 9.37
C7 1N1 D . 28.82 4.81 9.37
C8 1N1 D . 29.93 4.18 8.93
C8 1N1 D . 27.61 4.68 8.67
C9 1N1 D . 29.90 3.42 7.74
C9 1N1 D . 27.55 3.92 7.50
C10 1N1 D . 31.18 2.73 7.26
C10 1N1 D . 26.24 3.78 6.74
C11 1N1 D . 29.66 1.66 -0.94
C12 1N1 D . 30.00 1.18 -2.21
C13 1N1 D . 30.39 2.12 -3.18
C14 1N1 D . 30.11 3.88 -1.65
C15 1N1 D . 30.16 5.36 -1.29
C16 1N1 D . 31.24 2.81 -5.39
C19 1N1 D . 30.87 0.33 -4.92
C20 1N1 D . 30.38 1.17 -8.63
C21 1N1 D . 29.42 0.03 -9.03
N 1N1 D . 29.28 0.83 0.03
C 1N1 D . 29.08 1.20 1.30
N1 1N1 D . 28.46 0.41 2.22
S 1N1 D . 29.51 2.69 2.02
N2 1N1 D . 28.68 2.56 5.88
C4 1N1 D . 28.71 3.30 7.01
C4 1N1 D . 28.71 3.30 7.01
C5 1N1 D . 27.57 3.94 7.46
C5 1N1 D . 29.92 3.44 7.69
C6 1N1 D . 27.58 4.69 8.63
C6 1N1 D . 29.96 4.19 8.88
CL 1N1 D . 26.12 3.78 6.52
CL 1N1 D . 31.33 2.65 7.07
O 1N1 D . 29.14 4.36 4.54
N3 1N1 D . 30.44 3.44 -2.87
N4 1N1 D . 29.72 2.98 -0.71
N5 1N1 D . 30.78 1.73 -4.48
C17 1N1 D . 30.62 2.63 -6.76
C18 1N1 D . 30.25 0.19 -6.31
O1 1N1 D . 28.36 -0.18 -8.07
#